data_6QHC
#
_entry.id   6QHC
#
_cell.length_a   57.680
_cell.length_b   45.730
_cell.length_c   89.580
_cell.angle_alpha   90.00
_cell.angle_beta   93.26
_cell.angle_gamma   90.00
#
_symmetry.space_group_name_H-M   'P 1 21 1'
#
loop_
_entity.id
_entity.type
_entity.pdbx_description
1 polymer Kallikrein-6
2 non-polymer GLYCEROL
3 non-polymer N-(4-CARBAMIMIDOYL-PHENYL)-2-HYDROXY-BENZAMIDE
4 non-polymer 'DIMETHYL SULFOXIDE'
5 water water
#
_entity_poly.entity_id   1
_entity_poly.type   'polypeptide(L)'
_entity_poly.pdbx_seq_one_letter_code
;LVHGGPCDKTSHPYQAALYTSGHLLCGGVLIHPLWVLTAAHCKKPNLQVFLGKHNLGQQESSQEQSSVVRAVIHPDYDAA
SHDQDIMLLRLARPAKLSELIQPLPLERDCSAQTTSCHILGWGKTADGDFPDTIQCAYIHLVSREECEHAYPGQITQNML
CAGDEKYGKDSCQGDSGGPLVCGDHLRGLVSWGNIPCGSKEKPGVYTNVCRYTNWIQKTIQAK
;
_entity_poly.pdbx_strand_id   A,B
#
# COMPACT_ATOMS: atom_id res chain seq x y z
N LEU A 1 -5.31 9.42 -10.57
CA LEU A 1 -5.91 10.07 -11.73
C LEU A 1 -6.45 11.43 -11.25
N VAL A 2 -5.97 12.53 -11.85
CA VAL A 2 -6.38 13.88 -11.44
C VAL A 2 -7.53 14.43 -12.25
N HIS A 3 -8.46 15.18 -11.59
CA HIS A 3 -9.59 15.90 -12.22
C HIS A 3 -10.65 14.97 -12.88
N GLY A 4 -10.74 13.74 -12.39
CA GLY A 4 -11.73 12.78 -12.86
C GLY A 4 -12.80 12.53 -11.82
N GLY A 5 -13.58 11.49 -12.02
CA GLY A 5 -14.65 11.15 -11.09
C GLY A 5 -14.73 9.65 -10.88
N PRO A 6 -15.50 9.18 -9.89
CA PRO A 6 -15.62 7.72 -9.66
C PRO A 6 -16.20 7.01 -10.86
N CYS A 7 -15.63 5.83 -11.24
CA CYS A 7 -16.12 5.04 -12.38
C CYS A 7 -17.47 4.43 -12.06
N ASP A 8 -18.20 4.03 -13.11
CA ASP A 8 -19.44 3.28 -13.00
C ASP A 8 -18.96 1.88 -12.56
N LYS A 9 -19.61 1.27 -11.55
CA LYS A 9 -19.23 -0.04 -10.98
C LYS A 9 -19.08 -1.19 -12.00
N THR A 10 -19.83 -1.18 -13.09
CA THR A 10 -19.80 -2.29 -14.06
C THR A 10 -18.94 -1.96 -15.32
N SER A 11 -18.29 -0.81 -15.34
CA SER A 11 -17.58 -0.36 -16.52
C SER A 11 -16.08 -0.68 -16.60
N HIS A 12 -15.50 -1.32 -15.57
CA HIS A 12 -14.06 -1.57 -15.58
C HIS A 12 -13.70 -3.04 -15.22
N PRO A 13 -14.38 -4.09 -15.79
CA PRO A 13 -14.10 -5.48 -15.37
C PRO A 13 -12.70 -6.02 -15.68
N TYR A 14 -11.97 -5.33 -16.55
CA TYR A 14 -10.60 -5.64 -16.94
C TYR A 14 -9.57 -4.97 -15.98
N GLN A 15 -10.01 -4.07 -15.10
CA GLN A 15 -9.06 -3.36 -14.21
C GLN A 15 -8.47 -4.25 -13.11
N ALA A 16 -7.13 -4.22 -12.95
CA ALA A 16 -6.44 -4.98 -11.92
C ALA A 16 -5.77 -3.97 -11.01
N ALA A 17 -5.71 -4.29 -9.69
CA ALA A 17 -5.00 -3.47 -8.70
C ALA A 17 -3.78 -4.33 -8.32
N LEU A 18 -2.57 -3.77 -8.38
CA LEU A 18 -1.35 -4.49 -8.08
C LEU A 18 -0.82 -4.02 -6.74
N TYR A 19 -0.58 -4.98 -5.82
CA TYR A 19 -0.07 -4.74 -4.47
C TYR A 19 1.31 -5.36 -4.22
N THR A 20 2.05 -4.71 -3.32
CA THR A 20 3.34 -5.18 -2.81
C THR A 20 3.41 -4.70 -1.37
N SER A 21 3.75 -5.63 -0.45
CA SER A 21 3.84 -5.41 0.99
C SER A 21 2.53 -4.81 1.59
N GLY A 22 1.38 -5.24 1.07
CA GLY A 22 0.06 -4.79 1.52
C GLY A 22 -0.37 -3.40 1.08
N HIS A 23 0.38 -2.78 0.15
CA HIS A 23 0.06 -1.45 -0.34
C HIS A 23 -0.20 -1.42 -1.82
N LEU A 24 -1.13 -0.54 -2.26
CA LEU A 24 -1.39 -0.39 -3.69
C LEU A 24 -0.13 0.15 -4.35
N LEU A 25 0.26 -0.46 -5.45
CA LEU A 25 1.43 -0.08 -6.23
C LEU A 25 1.12 0.50 -7.62
N CYS A 26 0.33 -0.24 -8.40
CA CYS A 26 0.05 0.10 -9.78
C CYS A 26 -1.30 -0.46 -10.13
N GLY A 27 -1.71 -0.12 -11.33
CA GLY A 27 -2.86 -0.71 -12.00
C GLY A 27 -2.32 -1.76 -12.97
N GLY A 28 -3.23 -2.39 -13.67
CA GLY A 28 -2.89 -3.43 -14.61
C GLY A 28 -4.16 -3.70 -15.37
N VAL A 29 -4.05 -4.45 -16.42
CA VAL A 29 -5.18 -4.80 -17.30
C VAL A 29 -5.22 -6.30 -17.46
N LEU A 30 -6.39 -6.87 -17.19
CA LEU A 30 -6.55 -8.27 -17.46
C LEU A 30 -6.75 -8.46 -18.97
N ILE A 31 -5.89 -9.23 -19.62
CA ILE A 31 -6.00 -9.46 -21.08
C ILE A 31 -6.30 -10.93 -21.46
N HIS A 32 -6.27 -11.84 -20.50
CA HIS A 32 -6.46 -13.27 -20.69
C HIS A 32 -6.70 -13.83 -19.30
N PRO A 33 -7.47 -14.94 -19.11
CA PRO A 33 -7.65 -15.47 -17.74
C PRO A 33 -6.36 -15.65 -16.94
N LEU A 34 -5.22 -15.95 -17.58
CA LEU A 34 -3.97 -16.17 -16.85
C LEU A 34 -3.00 -15.00 -16.86
N TRP A 35 -3.32 -13.90 -17.58
CA TRP A 35 -2.39 -12.83 -17.73
C TRP A 35 -2.89 -11.44 -17.50
N VAL A 36 -2.06 -10.65 -16.80
CA VAL A 36 -2.27 -9.23 -16.56
C VAL A 36 -1.12 -8.42 -17.23
N LEU A 37 -1.49 -7.38 -17.95
CA LEU A 37 -0.54 -6.46 -18.59
C LEU A 37 -0.38 -5.25 -17.71
N THR A 38 0.87 -4.82 -17.49
CA THR A 38 1.14 -3.65 -16.65
C THR A 38 2.38 -2.96 -17.21
N ALA A 39 2.89 -1.97 -16.48
CA ALA A 39 4.11 -1.25 -16.88
C ALA A 39 5.30 -1.98 -16.26
N ALA A 40 6.44 -2.07 -16.97
CA ALA A 40 7.64 -2.71 -16.43
C ALA A 40 8.19 -2.02 -15.18
N HIS A 41 7.97 -0.69 -15.00
CA HIS A 41 8.50 -0.03 -13.78
C HIS A 41 7.69 -0.38 -12.52
N CYS A 42 6.59 -1.14 -12.67
CA CYS A 42 5.78 -1.62 -11.53
C CYS A 42 6.37 -2.89 -10.93
N LYS A 43 7.43 -3.48 -11.55
CA LYS A 43 8.05 -4.72 -11.03
C LYS A 43 8.57 -4.56 -9.59
N LYS A 44 7.91 -5.24 -8.64
CA LYS A 44 8.26 -5.25 -7.21
C LYS A 44 8.17 -6.69 -6.73
N PRO A 45 8.78 -7.05 -5.57
CA PRO A 45 8.69 -8.45 -5.10
C PRO A 45 7.28 -8.90 -4.71
N ASN A 46 7.01 -10.21 -4.90
CA ASN A 46 5.80 -10.89 -4.47
C ASN A 46 4.49 -10.13 -4.80
N LEU A 47 4.38 -9.67 -6.06
CA LEU A 47 3.21 -8.92 -6.52
C LEU A 47 1.90 -9.66 -6.27
N GLN A 48 0.88 -8.95 -5.73
CA GLN A 48 -0.45 -9.50 -5.50
C GLN A 48 -1.38 -8.78 -6.46
N VAL A 49 -2.17 -9.53 -7.21
CA VAL A 49 -3.10 -8.98 -8.19
C VAL A 49 -4.50 -9.13 -7.67
N PHE A 50 -5.26 -8.03 -7.66
CA PHE A 50 -6.65 -8.02 -7.25
C PHE A 50 -7.52 -7.70 -8.45
N LEU A 51 -8.44 -8.59 -8.79
CA LEU A 51 -9.40 -8.36 -9.85
C LEU A 51 -10.76 -8.14 -9.23
N GLY A 52 -11.71 -7.59 -10.00
CA GLY A 52 -13.07 -7.37 -9.52
C GLY A 52 -13.25 -6.35 -8.43
N LYS A 53 -12.27 -5.46 -8.22
CA LYS A 53 -12.33 -4.40 -7.21
C LYS A 53 -12.85 -3.09 -7.75
N HIS A 54 -13.62 -2.37 -6.92
CA HIS A 54 -14.10 -1.03 -7.23
C HIS A 54 -13.59 -0.13 -6.09
N ASN A 55 -13.84 -0.52 -4.85
CA ASN A 55 -13.39 0.21 -3.68
C ASN A 55 -12.33 -0.62 -2.95
N LEU A 56 -11.07 -0.15 -2.98
CA LEU A 56 -9.93 -0.83 -2.33
C LEU A 56 -10.03 -0.87 -0.81
N GLY A 57 -10.83 0.02 -0.23
CA GLY A 57 -10.98 0.11 1.22
C GLY A 57 -11.94 -0.88 1.85
N GLN A 58 -12.73 -1.61 1.03
CA GLN A 58 -13.73 -2.58 1.50
C GLN A 58 -13.56 -3.94 0.83
N GLN A 59 -13.94 -5.05 1.50
CA GLN A 59 -13.94 -6.37 0.89
C GLN A 59 -15.17 -6.37 0.02
N GLU A 60 -15.05 -6.96 -1.16
CA GLU A 60 -16.14 -7.01 -2.13
C GLU A 60 -16.31 -8.44 -2.57
N SER A 61 -17.58 -8.87 -2.73
CA SER A 61 -17.95 -10.21 -3.13
C SER A 61 -17.36 -10.61 -4.48
N SER A 62 -17.14 -9.63 -5.39
CA SER A 62 -16.62 -9.89 -6.74
C SER A 62 -15.10 -9.97 -6.84
N GLN A 63 -14.40 -9.62 -5.75
CA GLN A 63 -12.96 -9.58 -5.84
C GLN A 63 -12.35 -10.95 -5.84
N GLU A 64 -11.25 -11.10 -6.59
CA GLU A 64 -10.45 -12.31 -6.72
C GLU A 64 -8.98 -11.88 -6.63
N GLN A 65 -8.25 -12.50 -5.71
CA GLN A 65 -6.84 -12.20 -5.50
C GLN A 65 -5.96 -13.32 -6.06
N SER A 66 -4.81 -12.96 -6.64
CA SER A 66 -3.84 -13.94 -7.13
C SER A 66 -2.44 -13.48 -6.98
N SER A 67 -1.55 -14.41 -6.66
CA SER A 67 -0.15 -14.09 -6.58
C SER A 67 0.32 -14.25 -8.00
N VAL A 68 1.48 -13.74 -8.30
CA VAL A 68 2.04 -13.81 -9.64
C VAL A 68 3.07 -14.90 -9.65
N VAL A 69 2.98 -15.83 -10.61
CA VAL A 69 3.96 -16.91 -10.73
C VAL A 69 5.06 -16.59 -11.70
N ARG A 70 4.84 -15.61 -12.59
CA ARG A 70 5.83 -15.23 -13.59
C ARG A 70 5.69 -13.76 -14.01
N ALA A 71 6.80 -13.03 -13.99
CA ALA A 71 6.81 -11.61 -14.41
C ALA A 71 7.75 -11.45 -15.62
N VAL A 72 7.19 -11.10 -16.77
CA VAL A 72 7.94 -11.04 -18.04
C VAL A 72 8.07 -9.57 -18.53
N ILE A 73 9.21 -8.96 -18.22
CA ILE A 73 9.49 -7.59 -18.62
C ILE A 73 9.96 -7.62 -20.07
N HIS A 74 9.50 -6.68 -20.94
CA HIS A 74 9.96 -6.58 -22.34
C HIS A 74 11.48 -6.59 -22.34
N PRO A 75 12.15 -7.32 -23.26
CA PRO A 75 13.63 -7.36 -23.24
C PRO A 75 14.34 -6.04 -23.55
N ASP A 76 13.67 -5.12 -24.25
CA ASP A 76 14.23 -3.82 -24.62
C ASP A 76 13.77 -2.65 -23.70
N TYR A 77 13.14 -3.00 -22.56
CA TYR A 77 12.71 -2.03 -21.55
C TYR A 77 13.94 -1.20 -21.02
N ASP A 78 13.86 0.12 -21.06
CA ASP A 78 14.94 0.99 -20.59
C ASP A 78 14.38 1.89 -19.49
N ALA A 79 14.65 1.58 -18.21
CA ALA A 79 14.13 2.32 -17.06
C ALA A 79 14.31 3.85 -17.17
N ALA A 80 15.48 4.30 -17.63
CA ALA A 80 15.83 5.72 -17.71
C ALA A 80 14.93 6.54 -18.62
N SER A 81 14.61 6.03 -19.79
CA SER A 81 13.76 6.70 -20.76
C SER A 81 12.30 6.23 -20.74
N HIS A 82 11.98 5.16 -19.94
CA HIS A 82 10.67 4.53 -19.88
C HIS A 82 10.31 3.94 -21.24
N ASP A 83 11.32 3.69 -22.12
CA ASP A 83 11.03 3.10 -23.42
C ASP A 83 10.67 1.62 -23.23
N GLN A 84 9.62 1.14 -23.93
CA GLN A 84 9.16 -0.25 -23.90
C GLN A 84 8.76 -0.66 -22.48
N ASP A 85 8.02 0.24 -21.80
CA ASP A 85 7.59 0.11 -20.42
C ASP A 85 6.37 -0.77 -20.39
N ILE A 86 6.61 -2.07 -20.47
CA ILE A 86 5.57 -3.09 -20.52
C ILE A 86 6.04 -4.38 -19.89
N MET A 87 5.09 -5.05 -19.23
CA MET A 87 5.35 -6.27 -18.52
C MET A 87 4.10 -7.11 -18.45
N LEU A 88 4.31 -8.42 -18.57
CA LEU A 88 3.25 -9.40 -18.48
C LEU A 88 3.37 -10.15 -17.16
N LEU A 89 2.26 -10.36 -16.47
CA LEU A 89 2.25 -11.06 -15.20
C LEU A 89 1.38 -12.29 -15.38
N ARG A 90 1.95 -13.46 -15.12
CA ARG A 90 1.19 -14.72 -15.16
C ARG A 90 0.60 -14.94 -13.77
N LEU A 91 -0.70 -15.16 -13.72
CA LEU A 91 -1.43 -15.37 -12.47
C LEU A 91 -1.27 -16.80 -11.98
N ALA A 92 -1.23 -17.00 -10.66
CA ALA A 92 -1.09 -18.35 -10.07
C ALA A 92 -2.34 -19.17 -10.28
N ARG A 93 -3.48 -18.48 -10.31
CA ARG A 93 -4.84 -19.02 -10.46
C ARG A 93 -5.48 -18.30 -11.67
N PRO A 94 -6.01 -19.02 -12.69
CA PRO A 94 -6.69 -18.32 -13.81
C PRO A 94 -7.86 -17.53 -13.25
N ALA A 95 -8.09 -16.33 -13.79
CA ALA A 95 -9.14 -15.43 -13.32
C ALA A 95 -10.52 -16.10 -13.50
N LYS A 96 -11.36 -16.08 -12.45
CA LYS A 96 -12.72 -16.63 -12.52
C LYS A 96 -13.58 -15.49 -13.11
N LEU A 97 -13.89 -15.56 -14.40
CA LEU A 97 -14.64 -14.48 -15.07
C LEU A 97 -16.04 -14.30 -14.48
N SER A 98 -16.56 -13.08 -14.57
CA SER A 98 -17.84 -12.70 -14.00
C SER A 98 -18.27 -11.40 -14.70
N GLU A 99 -19.37 -10.77 -14.27
CA GLU A 99 -19.74 -9.50 -14.90
C GLU A 99 -18.68 -8.44 -14.52
N LEU A 100 -18.00 -8.66 -13.38
CA LEU A 100 -17.04 -7.71 -12.85
C LEU A 100 -15.56 -8.08 -13.07
N ILE A 101 -15.29 -9.24 -13.76
CA ILE A 101 -13.95 -9.71 -14.11
C ILE A 101 -14.02 -10.20 -15.54
N GLN A 102 -13.41 -9.44 -16.47
CA GLN A 102 -13.40 -9.80 -17.88
C GLN A 102 -12.14 -9.27 -18.52
N PRO A 103 -11.57 -10.00 -19.48
CA PRO A 103 -10.39 -9.48 -20.19
C PRO A 103 -10.77 -8.34 -21.12
N LEU A 104 -9.80 -7.48 -21.43
CA LEU A 104 -10.00 -6.39 -22.39
C LEU A 104 -9.22 -6.76 -23.69
N PRO A 105 -9.85 -6.74 -24.90
CA PRO A 105 -9.07 -7.09 -26.11
C PRO A 105 -8.09 -5.98 -26.45
N LEU A 106 -6.94 -6.32 -27.01
CA LEU A 106 -5.94 -5.32 -27.40
C LEU A 106 -6.20 -4.66 -28.75
N GLU A 107 -5.70 -3.45 -28.93
CA GLU A 107 -5.75 -2.77 -30.21
C GLU A 107 -4.54 -3.30 -30.97
N ARG A 108 -4.76 -3.92 -32.14
CA ARG A 108 -3.70 -4.51 -32.97
C ARG A 108 -3.24 -3.58 -34.10
N ASP A 109 -4.11 -2.65 -34.52
CA ASP A 109 -3.82 -1.72 -35.60
C ASP A 109 -3.30 -0.39 -35.07
N CYS A 110 -2.01 -0.08 -35.32
CA CYS A 110 -1.39 1.20 -34.90
C CYS A 110 -1.97 2.38 -35.69
N SER A 111 -2.67 2.08 -36.80
CA SER A 111 -3.33 3.08 -37.66
C SER A 111 -4.83 3.25 -37.33
N ALA A 112 -5.26 2.83 -36.11
CA ALA A 112 -6.66 2.94 -35.64
C ALA A 112 -7.07 4.41 -35.56
N GLN A 113 -8.20 4.74 -36.19
CA GLN A 113 -8.71 6.11 -36.29
C GLN A 113 -9.36 6.65 -35.01
N THR A 114 -9.72 5.78 -34.05
CA THR A 114 -10.38 6.16 -32.80
C THR A 114 -9.52 7.05 -31.89
N THR A 115 -10.19 8.00 -31.20
CA THR A 115 -9.64 8.93 -30.21
C THR A 115 -10.68 9.21 -29.09
N SER A 116 -11.69 8.33 -28.99
CA SER A 116 -12.74 8.37 -27.94
C SER A 116 -12.13 7.51 -26.82
N CYS A 117 -11.23 8.11 -26.03
CA CYS A 117 -10.45 7.35 -25.03
C CYS A 117 -10.82 7.63 -23.58
N HIS A 118 -10.49 6.65 -22.69
CA HIS A 118 -10.65 6.86 -21.25
C HIS A 118 -9.51 6.16 -20.47
N ILE A 119 -9.21 6.73 -19.31
CA ILE A 119 -8.21 6.23 -18.37
C ILE A 119 -8.91 5.95 -17.08
N LEU A 120 -8.32 5.07 -16.27
CA LEU A 120 -8.89 4.70 -14.99
C LEU A 120 -7.82 4.26 -14.00
N GLY A 121 -8.08 4.47 -12.73
CA GLY A 121 -7.12 4.03 -11.72
C GLY A 121 -7.34 4.50 -10.30
N TRP A 122 -6.54 3.95 -9.37
CA TRP A 122 -6.54 4.29 -7.96
C TRP A 122 -5.33 5.14 -7.61
N GLY A 123 -4.74 5.77 -8.61
CA GLY A 123 -3.61 6.68 -8.42
C GLY A 123 -4.03 7.97 -7.75
N LYS A 124 -3.05 8.82 -7.40
CA LYS A 124 -3.26 10.12 -6.75
C LYS A 124 -4.26 11.01 -7.46
N THR A 125 -5.17 11.60 -6.68
CA THR A 125 -6.18 12.52 -7.16
C THR A 125 -5.66 13.97 -7.02
N ALA A 126 -6.46 14.97 -7.51
CA ALA A 126 -6.13 16.40 -7.49
C ALA A 126 -5.73 16.93 -6.10
N ASP A 127 -6.38 16.45 -5.02
CA ASP A 127 -6.09 16.85 -3.63
C ASP A 127 -4.77 16.26 -3.09
N GLY A 128 -4.16 15.36 -3.86
CA GLY A 128 -2.92 14.68 -3.49
C GLY A 128 -3.10 13.32 -2.82
N ASP A 129 -4.31 13.02 -2.35
CA ASP A 129 -4.64 11.76 -1.68
C ASP A 129 -4.80 10.57 -2.64
N PHE A 130 -4.78 9.35 -2.09
CA PHE A 130 -5.02 8.12 -2.85
C PHE A 130 -6.49 7.75 -2.67
N PRO A 131 -7.29 7.60 -3.76
CA PRO A 131 -8.72 7.33 -3.56
C PRO A 131 -9.03 5.86 -3.24
N ASP A 132 -10.06 5.60 -2.42
CA ASP A 132 -10.48 4.22 -2.16
C ASP A 132 -11.24 3.73 -3.40
N THR A 133 -12.11 4.58 -3.94
CA THR A 133 -12.92 4.30 -5.14
C THR A 133 -12.15 4.66 -6.42
N ILE A 134 -12.17 3.73 -7.41
CA ILE A 134 -11.52 3.85 -8.71
C ILE A 134 -12.02 5.10 -9.45
N GLN A 135 -11.11 5.85 -10.00
CA GLN A 135 -11.41 7.10 -10.74
C GLN A 135 -11.35 6.85 -12.22
N CYS A 136 -12.08 7.66 -13.00
CA CYS A 136 -12.18 7.57 -14.46
C CYS A 136 -12.16 8.97 -15.11
N ALA A 137 -11.66 9.06 -16.35
CA ALA A 137 -11.70 10.32 -17.10
C ALA A 137 -11.61 10.07 -18.56
N TYR A 138 -12.33 10.86 -19.36
CA TYR A 138 -12.22 10.76 -20.80
C TYR A 138 -11.08 11.63 -21.23
N ILE A 139 -10.24 11.12 -22.12
CA ILE A 139 -9.11 11.87 -22.66
C ILE A 139 -9.00 11.62 -24.13
N HIS A 140 -8.18 12.41 -24.80
CA HIS A 140 -8.03 12.27 -26.26
C HIS A 140 -6.60 12.02 -26.56
N LEU A 141 -6.36 11.29 -27.61
CA LEU A 141 -5.01 11.05 -28.08
C LEU A 141 -4.51 12.37 -28.67
N VAL A 142 -3.25 12.71 -28.38
CA VAL A 142 -2.60 13.93 -28.83
C VAL A 142 -1.71 13.51 -30.03
N SER A 143 -1.64 14.35 -31.09
CA SER A 143 -0.78 14.07 -32.26
C SER A 143 0.69 13.86 -31.81
N ARG A 144 1.42 13.04 -32.57
CA ARG A 144 2.82 12.79 -32.28
C ARG A 144 3.66 14.09 -32.28
N GLU A 145 3.43 15.01 -33.27
CA GLU A 145 4.14 16.30 -33.40
C GLU A 145 4.01 17.15 -32.14
N GLU A 146 2.78 17.27 -31.59
CA GLU A 146 2.48 18.01 -30.37
C GLU A 146 3.15 17.35 -29.18
N CYS A 147 3.11 16.00 -29.12
CA CYS A 147 3.75 15.35 -27.99
C CYS A 147 5.27 15.52 -28.02
N GLU A 148 5.85 15.44 -29.24
CA GLU A 148 7.29 15.60 -29.46
C GLU A 148 7.71 16.98 -28.99
N HIS A 149 6.89 18.03 -29.24
CA HIS A 149 7.21 19.39 -28.77
C HIS A 149 7.12 19.51 -27.26
N ALA A 150 6.15 18.82 -26.64
CA ALA A 150 5.96 18.82 -25.19
C ALA A 150 7.14 18.17 -24.48
N TYR A 151 7.68 17.07 -25.07
CA TYR A 151 8.79 16.33 -24.46
C TYR A 151 9.91 16.17 -25.51
N PRO A 152 10.73 17.22 -25.77
CA PRO A 152 11.75 17.11 -26.83
C PRO A 152 12.72 15.94 -26.65
N GLY A 153 12.76 15.09 -27.68
CA GLY A 153 13.59 13.89 -27.80
C GLY A 153 13.31 12.74 -26.84
N GLN A 154 12.17 12.77 -26.13
CA GLN A 154 11.76 11.74 -25.15
C GLN A 154 10.71 10.77 -25.67
N ILE A 155 10.10 11.08 -26.82
CA ILE A 155 8.98 10.29 -27.34
C ILE A 155 9.40 9.36 -28.46
N THR A 156 9.30 8.06 -28.21
CA THR A 156 9.66 7.06 -29.20
C THR A 156 8.37 6.57 -29.87
N GLN A 157 8.50 5.70 -30.87
CA GLN A 157 7.38 5.08 -31.56
C GLN A 157 6.64 4.07 -30.63
N ASN A 158 7.26 3.74 -29.50
CA ASN A 158 6.72 2.81 -28.51
C ASN A 158 5.85 3.51 -27.49
N MET A 159 5.65 4.83 -27.67
CA MET A 159 4.83 5.66 -26.81
C MET A 159 3.73 6.36 -27.58
N LEU A 160 2.61 6.61 -26.90
N LEU A 160 2.63 6.62 -26.88
CA LEU A 160 1.40 7.28 -27.41
CA LEU A 160 1.45 7.34 -27.33
C LEU A 160 0.98 8.30 -26.36
C LEU A 160 1.25 8.45 -26.34
N CYS A 161 0.60 9.52 -26.78
CA CYS A 161 0.26 10.59 -25.85
C CYS A 161 -1.21 10.91 -25.84
N ALA A 162 -1.73 11.21 -24.66
CA ALA A 162 -3.15 11.45 -24.48
C ALA A 162 -3.36 12.45 -23.38
N GLY A 163 -4.39 13.24 -23.54
CA GLY A 163 -4.71 14.20 -22.50
C GLY A 163 -6.00 14.92 -22.72
N ASP A 164 -6.16 16.02 -22.02
CA ASP A 164 -7.37 16.83 -22.08
C ASP A 164 -7.07 18.34 -21.98
N GLU A 165 -7.29 19.04 -23.11
CA GLU A 165 -7.15 20.49 -23.23
C GLU A 165 -8.02 21.28 -22.23
N LYS A 166 -9.24 20.77 -21.89
CA LYS A 166 -10.16 21.50 -21.00
C LYS A 166 -9.71 21.59 -19.51
N TYR A 167 -9.68 20.47 -18.76
CA TYR A 167 -9.33 20.44 -17.31
C TYR A 167 -7.95 19.84 -17.01
N GLY A 168 -7.30 19.27 -18.03
CA GLY A 168 -6.02 18.61 -17.81
C GLY A 168 -6.18 17.32 -17.03
N LYS A 169 -7.26 16.56 -17.35
CA LYS A 169 -7.54 15.25 -16.75
C LYS A 169 -6.34 14.39 -17.15
N ASP A 170 -5.77 13.69 -16.19
CA ASP A 170 -4.57 12.93 -16.43
C ASP A 170 -4.39 11.79 -15.49
N SER A 171 -3.55 10.81 -15.89
N SER A 171 -3.55 10.82 -15.89
CA SER A 171 -3.16 9.71 -15.01
CA SER A 171 -3.17 9.71 -15.02
C SER A 171 -2.09 10.27 -14.09
C SER A 171 -2.08 10.26 -14.09
N CYS A 172 -1.82 9.57 -12.98
CA CYS A 172 -0.85 10.00 -11.97
C CYS A 172 -0.17 8.79 -11.28
N GLN A 173 0.63 9.06 -10.22
CA GLN A 173 1.32 8.01 -9.50
C GLN A 173 0.31 7.03 -8.88
N GLY A 174 0.49 5.73 -9.15
CA GLY A 174 -0.40 4.66 -8.70
C GLY A 174 -1.29 4.17 -9.81
N ASP A 175 -1.48 4.98 -10.85
CA ASP A 175 -2.29 4.56 -12.01
C ASP A 175 -1.41 3.81 -12.99
N SER A 176 -0.08 3.87 -12.82
CA SER A 176 0.85 3.23 -13.77
C SER A 176 0.50 1.79 -14.08
N GLY A 177 0.63 1.42 -15.35
CA GLY A 177 0.29 0.07 -15.79
C GLY A 177 -1.18 -0.08 -16.10
N GLY A 178 -1.96 0.94 -15.72
CA GLY A 178 -3.39 0.97 -15.98
C GLY A 178 -3.71 1.20 -17.44
N PRO A 179 -4.96 0.94 -17.85
CA PRO A 179 -5.29 1.01 -19.26
C PRO A 179 -5.65 2.37 -19.82
N LEU A 180 -5.28 2.58 -21.08
CA LEU A 180 -5.78 3.70 -21.87
C LEU A 180 -6.66 2.92 -22.87
N VAL A 181 -7.98 3.09 -22.72
CA VAL A 181 -9.00 2.37 -23.46
C VAL A 181 -9.57 3.26 -24.56
N CYS A 182 -9.44 2.84 -25.82
CA CYS A 182 -10.01 3.58 -26.95
C CYS A 182 -10.85 2.60 -27.79
N GLY A 183 -12.11 2.97 -28.03
CA GLY A 183 -13.02 2.15 -28.82
C GLY A 183 -13.16 0.73 -28.28
N ASP A 184 -13.29 0.61 -26.93
CA ASP A 184 -13.42 -0.66 -26.17
C ASP A 184 -12.24 -1.66 -26.41
N HIS A 185 -11.05 -1.11 -26.67
CA HIS A 185 -9.86 -1.92 -26.87
C HIS A 185 -8.74 -1.33 -26.05
N LEU A 186 -7.72 -2.16 -25.68
CA LEU A 186 -6.58 -1.58 -24.92
C LEU A 186 -5.66 -0.92 -25.94
N ARG A 187 -5.49 0.37 -25.80
CA ARG A 187 -4.67 1.18 -26.71
C ARG A 187 -3.32 1.53 -26.08
N GLY A 188 -3.32 1.74 -24.78
CA GLY A 188 -2.09 2.10 -24.08
C GLY A 188 -2.03 1.72 -22.62
N LEU A 189 -0.83 1.88 -22.05
CA LEU A 189 -0.65 1.62 -20.63
C LEU A 189 -0.08 2.85 -20.02
N VAL A 190 -0.59 3.25 -18.82
CA VAL A 190 -0.06 4.40 -18.10
C VAL A 190 1.41 4.16 -17.85
N SER A 191 2.28 5.06 -18.36
CA SER A 191 3.72 4.88 -18.21
C SER A 191 4.38 6.08 -17.48
N TRP A 192 4.25 7.31 -18.04
CA TRP A 192 4.85 8.50 -17.41
C TRP A 192 4.16 9.79 -17.89
N GLY A 193 4.68 10.92 -17.46
CA GLY A 193 4.14 12.21 -17.88
C GLY A 193 4.49 13.36 -16.96
N ASN A 194 3.69 14.41 -17.02
CA ASN A 194 3.94 15.63 -16.24
C ASN A 194 3.80 15.43 -14.73
N ILE A 195 4.76 15.98 -13.98
CA ILE A 195 4.79 16.03 -12.53
C ILE A 195 4.90 17.52 -12.11
N PRO A 196 3.93 18.12 -11.39
CA PRO A 196 2.64 17.55 -10.93
C PRO A 196 1.77 17.10 -12.10
N CYS A 197 0.85 16.16 -11.84
CA CYS A 197 -0.04 15.58 -12.85
C CYS A 197 -1.06 16.61 -13.41
N GLY A 198 -1.23 16.61 -14.74
CA GLY A 198 -2.06 17.57 -15.49
C GLY A 198 -1.66 17.53 -16.95
N SER A 199 -2.65 17.37 -17.84
CA SER A 199 -2.35 17.16 -19.26
C SER A 199 -2.68 18.31 -20.23
N LYS A 200 -3.07 19.50 -19.72
CA LYS A 200 -3.46 20.64 -20.60
C LYS A 200 -2.38 21.02 -21.61
N GLU A 201 -1.11 21.02 -21.16
CA GLU A 201 0.04 21.37 -21.99
C GLU A 201 0.94 20.17 -22.25
N LYS A 202 1.28 19.41 -21.18
CA LYS A 202 2.15 18.24 -21.33
C LYS A 202 1.26 17.02 -21.18
N PRO A 203 0.96 16.31 -22.29
CA PRO A 203 0.03 15.19 -22.17
C PRO A 203 0.67 14.01 -21.44
N GLY A 204 -0.17 13.09 -20.95
CA GLY A 204 0.37 11.89 -20.32
C GLY A 204 0.96 11.02 -21.40
N VAL A 205 2.00 10.26 -21.07
CA VAL A 205 2.67 9.34 -22.02
C VAL A 205 2.34 7.88 -21.65
N TYR A 206 1.89 7.12 -22.65
CA TYR A 206 1.40 5.75 -22.53
C TYR A 206 2.21 4.81 -23.36
N THR A 207 2.39 3.56 -22.88
CA THR A 207 3.03 2.55 -23.70
C THR A 207 2.07 2.28 -24.88
N ASN A 208 2.60 2.24 -26.13
CA ASN A 208 1.83 2.00 -27.36
C ASN A 208 1.63 0.49 -27.55
N VAL A 209 0.54 -0.06 -27.00
CA VAL A 209 0.26 -1.51 -26.93
C VAL A 209 0.23 -2.22 -28.29
N CYS A 210 -0.29 -1.55 -29.34
CA CYS A 210 -0.32 -2.12 -30.70
C CYS A 210 1.06 -2.55 -31.19
N ARG A 211 2.12 -1.91 -30.69
CA ARG A 211 3.51 -2.24 -31.07
C ARG A 211 3.92 -3.59 -30.47
N TYR A 212 3.15 -4.09 -29.48
CA TYR A 212 3.55 -5.30 -28.74
C TYR A 212 2.68 -6.50 -28.92
N THR A 213 1.79 -6.49 -29.91
CA THR A 213 0.88 -7.61 -30.08
C THR A 213 1.64 -8.93 -30.41
N ASN A 214 2.75 -8.90 -31.17
CA ASN A 214 3.55 -10.10 -31.44
C ASN A 214 4.28 -10.62 -30.20
N TRP A 215 4.89 -9.70 -29.45
CA TRP A 215 5.60 -10.07 -28.22
C TRP A 215 4.61 -10.63 -27.18
N ILE A 216 3.42 -10.02 -27.03
CA ILE A 216 2.41 -10.52 -26.09
C ILE A 216 2.00 -11.96 -26.49
N GLN A 217 1.64 -12.15 -27.77
CA GLN A 217 1.19 -13.44 -28.27
C GLN A 217 2.25 -14.53 -28.07
N LYS A 218 3.53 -14.23 -28.39
CA LYS A 218 4.65 -15.15 -28.23
C LYS A 218 4.89 -15.47 -26.73
N THR A 219 4.70 -14.48 -25.81
CA THR A 219 4.89 -14.73 -24.37
C THR A 219 3.80 -15.65 -23.81
N ILE A 220 2.53 -15.34 -24.10
CA ILE A 220 1.35 -16.11 -23.66
C ILE A 220 1.40 -17.55 -24.20
N GLN A 221 1.85 -17.75 -25.45
CA GLN A 221 1.97 -19.04 -26.12
C GLN A 221 3.29 -19.80 -25.84
N ALA A 222 4.21 -19.22 -25.02
CA ALA A 222 5.50 -19.85 -24.71
C ALA A 222 5.38 -21.02 -23.73
N LEU B 1 -7.33 -4.36 13.87
CA LEU B 1 -6.93 -5.72 14.27
C LEU B 1 -8.08 -6.67 13.94
N VAL B 2 -7.79 -7.78 13.26
CA VAL B 2 -8.84 -8.71 12.83
C VAL B 2 -8.94 -9.94 13.70
N HIS B 3 -10.21 -10.39 13.91
CA HIS B 3 -10.57 -11.61 14.67
C HIS B 3 -10.19 -11.57 16.18
N GLY B 4 -9.98 -10.38 16.71
CA GLY B 4 -9.65 -10.21 18.12
C GLY B 4 -10.90 -9.84 18.89
N GLY B 5 -10.74 -9.01 19.90
CA GLY B 5 -11.85 -8.57 20.73
C GLY B 5 -11.48 -7.42 21.61
N PRO B 6 -12.45 -6.81 22.33
CA PRO B 6 -12.09 -5.65 23.16
C PRO B 6 -11.07 -6.00 24.23
N CYS B 7 -10.08 -5.12 24.44
CA CYS B 7 -9.04 -5.31 25.48
C CYS B 7 -9.66 -5.05 26.83
N ASP B 8 -9.04 -5.63 27.91
CA ASP B 8 -9.39 -5.28 29.29
C ASP B 8 -8.84 -3.84 29.44
N LYS B 9 -9.66 -2.93 29.96
CA LYS B 9 -9.39 -1.49 30.15
C LYS B 9 -8.07 -1.18 30.87
N THR B 10 -7.57 -2.11 31.66
CA THR B 10 -6.35 -1.92 32.44
C THR B 10 -5.13 -2.69 31.87
N SER B 11 -5.26 -3.42 30.76
CA SER B 11 -4.09 -4.20 30.27
C SER B 11 -3.27 -3.48 29.18
N HIS B 12 -3.58 -2.20 28.89
CA HIS B 12 -2.83 -1.53 27.83
C HIS B 12 -2.40 -0.11 28.17
N PRO B 13 -1.80 0.17 29.37
CA PRO B 13 -1.41 1.56 29.69
C PRO B 13 -0.33 2.20 28.82
N TYR B 14 0.43 1.38 28.09
CA TYR B 14 1.51 1.88 27.21
C TYR B 14 0.97 2.24 25.82
N GLN B 15 -0.24 1.82 25.48
CA GLN B 15 -0.78 2.09 24.15
C GLN B 15 -1.00 3.61 23.86
N ALA B 16 -0.51 4.12 22.72
CA ALA B 16 -0.73 5.49 22.24
C ALA B 16 -1.62 5.45 20.96
N ALA B 17 -2.51 6.43 20.77
CA ALA B 17 -3.27 6.54 19.53
C ALA B 17 -2.70 7.79 18.84
N LEU B 18 -2.34 7.64 17.58
CA LEU B 18 -1.74 8.72 16.81
C LEU B 18 -2.75 9.26 15.84
N TYR B 19 -3.04 10.58 15.95
CA TYR B 19 -3.98 11.35 15.13
C TYR B 19 -3.30 12.43 14.29
N THR B 20 -3.85 12.67 13.09
CA THR B 20 -3.42 13.73 12.17
C THR B 20 -4.67 14.41 11.64
N SER B 21 -4.85 15.72 11.94
CA SER B 21 -6.03 16.54 11.55
C SER B 21 -7.36 15.86 11.94
N GLY B 22 -7.42 15.37 13.18
CA GLY B 22 -8.60 14.69 13.71
C GLY B 22 -8.88 13.32 13.13
N HIS B 23 -7.97 12.77 12.30
CA HIS B 23 -8.13 11.44 11.72
C HIS B 23 -7.20 10.48 12.45
N LEU B 24 -7.68 9.29 12.85
CA LEU B 24 -6.84 8.26 13.47
C LEU B 24 -5.86 7.74 12.42
N LEU B 25 -4.57 7.85 12.72
CA LEU B 25 -3.54 7.47 11.78
C LEU B 25 -2.88 6.13 12.10
N CYS B 26 -2.30 6.00 13.30
CA CYS B 26 -1.52 4.82 13.71
C CYS B 26 -1.67 4.55 15.21
N GLY B 27 -1.06 3.46 15.66
CA GLY B 27 -0.88 3.13 17.06
C GLY B 27 0.53 3.58 17.41
N GLY B 28 0.87 3.46 18.68
CA GLY B 28 2.17 3.83 19.19
C GLY B 28 2.36 3.15 20.51
N VAL B 29 3.58 3.22 21.05
CA VAL B 29 3.92 2.59 22.32
C VAL B 29 4.67 3.60 23.18
N LEU B 30 4.10 3.93 24.38
CA LEU B 30 4.82 4.76 25.33
C LEU B 30 5.99 3.91 25.91
N ILE B 31 7.20 4.43 25.83
CA ILE B 31 8.41 3.72 26.29
C ILE B 31 9.22 4.53 27.29
N HIS B 32 8.84 5.80 27.46
CA HIS B 32 9.48 6.77 28.33
C HIS B 32 8.48 7.93 28.49
N PRO B 33 8.42 8.62 29.65
CA PRO B 33 7.49 9.76 29.80
C PRO B 33 7.51 10.81 28.67
N LEU B 34 8.65 10.98 27.98
CA LEU B 34 8.77 11.92 26.90
C LEU B 34 8.73 11.26 25.53
N TRP B 35 8.74 9.91 25.47
CA TRP B 35 8.88 9.24 24.18
C TRP B 35 7.91 8.14 23.86
N VAL B 36 7.37 8.27 22.64
CA VAL B 36 6.47 7.31 22.00
C VAL B 36 7.17 6.75 20.77
N LEU B 37 7.17 5.44 20.69
CA LEU B 37 7.72 4.70 19.58
C LEU B 37 6.56 4.34 18.66
N THR B 38 6.76 4.48 17.34
CA THR B 38 5.73 4.14 16.32
C THR B 38 6.47 3.66 15.05
N ALA B 39 5.75 3.33 13.98
CA ALA B 39 6.38 2.91 12.73
C ALA B 39 6.77 4.17 11.99
N ALA B 40 7.88 4.12 11.24
CA ALA B 40 8.33 5.28 10.44
C ALA B 40 7.29 5.65 9.39
N HIS B 41 6.57 4.66 8.81
CA HIS B 41 5.56 5.02 7.80
C HIS B 41 4.36 5.83 8.37
N CYS B 42 4.31 6.02 9.71
CA CYS B 42 3.27 6.83 10.39
C CYS B 42 3.68 8.34 10.40
N LYS B 43 4.78 8.71 9.71
CA LYS B 43 5.20 10.10 9.69
C LYS B 43 4.28 10.93 8.79
N LYS B 44 3.65 11.93 9.40
CA LYS B 44 2.70 12.88 8.79
C LYS B 44 2.89 14.17 9.57
N PRO B 45 2.53 15.37 9.06
CA PRO B 45 2.70 16.59 9.87
C PRO B 45 1.65 16.71 10.98
N ASN B 46 1.88 17.64 11.92
CA ASN B 46 0.97 17.98 13.04
C ASN B 46 0.43 16.73 13.77
N LEU B 47 1.33 15.80 14.13
CA LEU B 47 0.95 14.57 14.83
C LEU B 47 0.51 14.86 16.27
N GLN B 48 -0.66 14.32 16.63
CA GLN B 48 -1.24 14.45 17.96
C GLN B 48 -1.29 13.06 18.60
N VAL B 49 -0.71 12.91 19.79
CA VAL B 49 -0.63 11.66 20.54
C VAL B 49 -1.64 11.66 21.68
N PHE B 50 -2.45 10.60 21.77
CA PHE B 50 -3.40 10.37 22.87
C PHE B 50 -2.92 9.20 23.66
N LEU B 51 -2.71 9.43 24.97
CA LEU B 51 -2.32 8.42 25.93
C LEU B 51 -3.48 8.22 26.88
N GLY B 52 -3.50 7.06 27.53
CA GLY B 52 -4.56 6.70 28.46
C GLY B 52 -5.91 6.43 27.83
N LYS B 53 -5.96 6.26 26.50
CA LYS B 53 -7.22 5.95 25.80
C LYS B 53 -7.60 4.46 25.80
N HIS B 54 -8.91 4.19 25.82
CA HIS B 54 -9.44 2.83 25.69
C HIS B 54 -10.50 2.86 24.58
N ASN B 55 -11.44 3.84 24.70
CA ASN B 55 -12.58 4.03 23.82
C ASN B 55 -12.45 5.40 23.17
N LEU B 56 -12.27 5.41 21.82
CA LEU B 56 -12.07 6.67 21.08
C LEU B 56 -13.32 7.55 20.97
N GLY B 57 -14.48 6.95 21.13
CA GLY B 57 -15.79 7.60 21.05
C GLY B 57 -16.24 8.23 22.34
N GLN B 58 -15.31 8.47 23.29
CA GLN B 58 -15.70 9.14 24.51
C GLN B 58 -14.45 9.75 25.13
N GLN B 59 -14.62 10.76 25.99
CA GLN B 59 -13.49 11.39 26.69
C GLN B 59 -13.31 10.69 28.03
N GLU B 60 -12.12 10.12 28.26
CA GLU B 60 -11.86 9.37 29.47
C GLU B 60 -11.04 10.21 30.46
N SER B 61 -11.29 10.06 31.76
CA SER B 61 -10.61 10.83 32.83
C SER B 61 -9.10 10.60 32.94
N SER B 62 -8.62 9.46 32.40
CA SER B 62 -7.20 9.09 32.43
C SER B 62 -6.47 9.60 31.19
N GLN B 63 -7.17 10.09 30.16
CA GLN B 63 -6.48 10.45 28.93
C GLN B 63 -5.64 11.70 29.01
N GLU B 64 -4.67 11.77 28.12
CA GLU B 64 -3.78 12.90 28.00
C GLU B 64 -3.44 13.05 26.54
N GLN B 65 -3.39 14.30 26.06
CA GLN B 65 -3.08 14.63 24.68
C GLN B 65 -1.82 15.51 24.61
N SER B 66 -0.97 15.23 23.64
CA SER B 66 0.21 16.05 23.44
C SER B 66 0.50 16.09 21.97
N SER B 67 1.10 17.19 21.53
CA SER B 67 1.55 17.31 20.15
C SER B 67 2.99 16.76 20.12
N VAL B 68 3.55 16.54 18.94
CA VAL B 68 4.90 15.99 18.81
C VAL B 68 5.87 17.14 18.49
N VAL B 69 6.87 17.37 19.35
CA VAL B 69 7.85 18.44 19.14
C VAL B 69 8.94 18.02 18.17
N ARG B 70 9.28 16.72 18.18
CA ARG B 70 10.32 16.17 17.32
C ARG B 70 9.99 14.74 16.91
N ALA B 71 10.05 14.49 15.60
CA ALA B 71 9.81 13.18 14.99
C ALA B 71 11.17 12.65 14.56
N VAL B 72 11.65 11.58 15.20
CA VAL B 72 12.96 10.98 14.91
C VAL B 72 12.80 9.66 14.12
N ILE B 73 12.72 9.79 12.80
CA ILE B 73 12.61 8.65 11.90
C ILE B 73 13.99 7.99 11.78
N HIS B 74 14.08 6.67 12.00
CA HIS B 74 15.34 5.96 11.91
C HIS B 74 16.10 6.41 10.64
N PRO B 75 17.38 6.81 10.77
CA PRO B 75 18.11 7.32 9.59
C PRO B 75 18.19 6.32 8.42
N ASP B 76 18.14 5.03 8.72
CA ASP B 76 18.23 3.99 7.71
C ASP B 76 16.87 3.48 7.25
N TYR B 77 15.80 4.31 7.36
CA TYR B 77 14.46 3.92 6.91
C TYR B 77 14.36 3.87 5.38
N ASP B 78 13.85 2.75 4.89
CA ASP B 78 13.64 2.48 3.47
C ASP B 78 12.13 2.26 3.28
N ALA B 79 11.39 3.31 2.86
CA ALA B 79 9.94 3.27 2.67
C ALA B 79 9.44 2.19 1.69
N ALA B 80 10.22 1.86 0.63
CA ALA B 80 9.88 0.85 -0.41
C ALA B 80 9.85 -0.60 0.09
N SER B 81 10.75 -0.97 1.01
CA SER B 81 10.88 -2.32 1.58
C SER B 81 10.36 -2.42 3.03
N HIS B 82 10.06 -1.27 3.65
CA HIS B 82 9.67 -1.10 5.06
C HIS B 82 10.86 -1.47 5.97
N ASP B 83 12.10 -1.49 5.45
CA ASP B 83 13.22 -1.86 6.32
C ASP B 83 13.50 -0.73 7.31
N GLN B 84 13.72 -1.09 8.58
CA GLN B 84 14.02 -0.13 9.67
C GLN B 84 12.84 0.80 9.92
N ASP B 85 11.62 0.22 9.97
CA ASP B 85 10.34 0.92 10.10
C ASP B 85 10.06 1.29 11.54
N ILE B 86 10.79 2.30 12.00
CA ILE B 86 10.73 2.73 13.39
C ILE B 86 10.96 4.23 13.48
N MET B 87 10.19 4.86 14.33
CA MET B 87 10.29 6.28 14.57
C MET B 87 10.06 6.56 16.05
N LEU B 88 10.85 7.48 16.61
CA LEU B 88 10.72 7.97 17.97
C LEU B 88 10.04 9.31 17.93
N LEU B 89 8.99 9.48 18.72
CA LEU B 89 8.25 10.74 18.79
C LEU B 89 8.45 11.38 20.15
N ARG B 90 9.01 12.58 20.13
CA ARG B 90 9.31 13.38 21.32
C ARG B 90 8.08 14.24 21.60
N LEU B 91 7.44 13.97 22.73
CA LEU B 91 6.22 14.63 23.17
C LEU B 91 6.49 16.06 23.66
N ALA B 92 5.56 16.99 23.33
CA ALA B 92 5.58 18.39 23.77
C ALA B 92 5.50 18.43 25.29
N ARG B 93 4.65 17.57 25.87
CA ARG B 93 4.43 17.42 27.30
C ARG B 93 4.75 16.00 27.78
N PRO B 94 5.46 15.83 28.93
CA PRO B 94 5.73 14.48 29.42
C PRO B 94 4.44 13.82 29.89
N ALA B 95 4.32 12.52 29.65
CA ALA B 95 3.19 11.72 30.03
C ALA B 95 3.13 11.68 31.56
N LYS B 96 1.94 11.96 32.15
CA LYS B 96 1.81 11.89 33.60
C LYS B 96 1.51 10.43 33.87
N LEU B 97 2.48 9.72 34.46
CA LEU B 97 2.31 8.30 34.73
C LEU B 97 1.25 8.02 35.79
N SER B 98 0.41 7.02 35.52
CA SER B 98 -0.71 6.62 36.35
C SER B 98 -0.97 5.14 36.17
N GLU B 99 -2.07 4.65 36.70
CA GLU B 99 -2.51 3.27 36.53
C GLU B 99 -2.79 2.97 35.02
N LEU B 100 -3.27 3.96 34.26
CA LEU B 100 -3.64 3.75 32.85
C LEU B 100 -2.68 4.37 31.84
N ILE B 101 -1.54 4.90 32.32
CA ILE B 101 -0.51 5.48 31.48
C ILE B 101 0.79 4.99 32.08
N GLN B 102 1.45 4.02 31.43
CA GLN B 102 2.70 3.47 31.91
C GLN B 102 3.59 3.15 30.72
N PRO B 103 4.91 3.41 30.75
CA PRO B 103 5.77 2.98 29.64
C PRO B 103 5.94 1.46 29.61
N LEU B 104 6.26 0.91 28.42
CA LEU B 104 6.46 -0.53 28.25
C LEU B 104 7.97 -0.77 28.12
N PRO B 105 8.61 -1.63 28.95
CA PRO B 105 10.05 -1.89 28.75
C PRO B 105 10.31 -2.66 27.44
N LEU B 106 11.42 -2.33 26.78
CA LEU B 106 11.82 -2.96 25.52
C LEU B 106 12.42 -4.34 25.77
N GLU B 107 12.22 -5.26 24.81
CA GLU B 107 12.92 -6.54 24.86
C GLU B 107 14.35 -6.19 24.41
N ARG B 108 15.32 -6.53 25.24
CA ARG B 108 16.71 -6.19 24.97
C ARG B 108 17.41 -7.37 24.32
N ASP B 109 16.90 -8.58 24.56
CA ASP B 109 17.43 -9.83 24.04
C ASP B 109 16.73 -10.33 22.77
N CYS B 110 17.42 -10.26 21.60
CA CYS B 110 16.92 -10.79 20.31
C CYS B 110 16.70 -12.32 20.38
N SER B 111 17.34 -12.98 21.36
CA SER B 111 17.28 -14.42 21.60
C SER B 111 16.15 -14.84 22.55
N ALA B 112 15.41 -13.86 23.18
CA ALA B 112 14.30 -14.14 24.09
C ALA B 112 13.39 -15.28 23.59
N GLN B 113 13.16 -16.27 24.47
CA GLN B 113 12.43 -17.54 24.25
C GLN B 113 10.90 -17.45 24.18
N THR B 114 10.27 -16.47 24.84
CA THR B 114 8.79 -16.30 24.84
C THR B 114 8.27 -16.06 23.40
N THR B 115 7.37 -16.94 22.93
CA THR B 115 6.75 -16.88 21.61
C THR B 115 5.24 -16.52 21.70
N SER B 116 4.65 -16.66 22.91
CA SER B 116 3.26 -16.33 23.17
C SER B 116 3.20 -14.79 23.28
N CYS B 117 2.52 -14.15 22.32
CA CYS B 117 2.47 -12.69 22.28
C CYS B 117 1.07 -12.15 22.19
N HIS B 118 0.96 -10.83 22.24
CA HIS B 118 -0.31 -10.15 22.01
C HIS B 118 -0.13 -8.85 21.26
N ILE B 119 -1.12 -8.56 20.44
CA ILE B 119 -1.15 -7.31 19.67
C ILE B 119 -2.38 -6.52 20.12
N LEU B 120 -2.36 -5.23 19.83
CA LEU B 120 -3.45 -4.35 20.16
C LEU B 120 -3.54 -3.13 19.26
N GLY B 121 -4.74 -2.56 19.19
CA GLY B 121 -4.94 -1.34 18.42
C GLY B 121 -6.38 -1.09 18.02
N TRP B 122 -6.57 0.07 17.39
CA TRP B 122 -7.84 0.57 16.89
C TRP B 122 -7.92 0.51 15.33
N GLY B 123 -7.14 -0.38 14.72
CA GLY B 123 -7.19 -0.54 13.27
C GLY B 123 -8.44 -1.26 12.82
N LYS B 124 -8.58 -1.47 11.52
CA LYS B 124 -9.74 -2.15 10.92
C LYS B 124 -10.02 -3.53 11.53
N THR B 125 -11.31 -3.81 11.88
CA THR B 125 -11.72 -5.14 12.35
C THR B 125 -12.13 -6.01 11.13
N ALA B 126 -12.50 -7.30 11.38
CA ALA B 126 -12.87 -8.28 10.35
C ALA B 126 -13.98 -7.84 9.39
N ASP B 127 -14.94 -7.05 9.91
CA ASP B 127 -16.03 -6.45 9.15
C ASP B 127 -15.59 -5.24 8.29
N GLY B 128 -14.39 -4.73 8.52
CA GLY B 128 -13.86 -3.57 7.79
C GLY B 128 -14.04 -2.23 8.48
N ASP B 129 -14.75 -2.18 9.63
CA ASP B 129 -14.95 -0.90 10.32
C ASP B 129 -13.82 -0.56 11.29
N PHE B 130 -13.68 0.72 11.66
CA PHE B 130 -12.70 1.16 12.66
C PHE B 130 -13.41 1.08 14.00
N PRO B 131 -12.91 0.30 14.97
CA PRO B 131 -13.65 0.16 16.23
C PRO B 131 -13.34 1.33 17.17
N ASP B 132 -14.31 1.72 17.99
CA ASP B 132 -14.12 2.77 18.98
C ASP B 132 -13.29 2.20 20.13
N THR B 133 -13.53 0.92 20.51
CA THR B 133 -12.83 0.23 21.59
C THR B 133 -11.64 -0.53 21.08
N ILE B 134 -10.51 -0.37 21.78
CA ILE B 134 -9.24 -1.00 21.47
C ILE B 134 -9.42 -2.50 21.46
N GLN B 135 -8.82 -3.14 20.47
CA GLN B 135 -8.94 -4.58 20.28
C GLN B 135 -7.64 -5.25 20.67
N CYS B 136 -7.73 -6.49 21.15
CA CYS B 136 -6.62 -7.34 21.57
C CYS B 136 -6.70 -8.73 20.93
N ALA B 137 -5.53 -9.35 20.68
CA ALA B 137 -5.46 -10.72 20.17
C ALA B 137 -4.18 -11.34 20.64
N TYR B 138 -4.24 -12.64 20.98
CA TYR B 138 -3.08 -13.45 21.33
C TYR B 138 -2.59 -14.11 20.05
N ILE B 139 -1.33 -13.88 19.71
CA ILE B 139 -0.68 -14.40 18.51
C ILE B 139 0.66 -15.01 18.89
N HIS B 140 1.28 -15.72 17.96
CA HIS B 140 2.53 -16.40 18.24
C HIS B 140 3.59 -15.96 17.28
N LEU B 141 4.83 -15.81 17.78
CA LEU B 141 6.00 -15.51 16.97
C LEU B 141 6.20 -16.69 16.03
N VAL B 142 6.66 -16.42 14.81
CA VAL B 142 6.89 -17.42 13.78
C VAL B 142 8.42 -17.38 13.52
N SER B 143 9.02 -18.53 13.20
CA SER B 143 10.47 -18.58 12.93
C SER B 143 10.81 -17.68 11.70
N ARG B 144 12.05 -17.18 11.66
CA ARG B 144 12.53 -16.37 10.54
C ARG B 144 12.48 -17.19 9.23
N GLU B 145 12.68 -18.54 9.32
CA GLU B 145 12.60 -19.45 8.18
C GLU B 145 11.20 -19.39 7.53
N GLU B 146 10.13 -19.51 8.34
CA GLU B 146 8.76 -19.44 7.84
C GLU B 146 8.37 -18.01 7.38
N CYS B 147 8.85 -16.99 8.07
CA CYS B 147 8.67 -15.54 7.83
C CYS B 147 9.21 -15.24 6.39
N GLU B 148 10.45 -15.70 6.10
CA GLU B 148 11.10 -15.58 4.79
C GLU B 148 10.39 -16.42 3.71
N HIS B 149 9.80 -17.56 4.09
CA HIS B 149 9.09 -18.37 3.11
C HIS B 149 7.75 -17.73 2.68
N ALA B 150 7.12 -16.97 3.60
CA ALA B 150 5.87 -16.26 3.32
C ALA B 150 6.14 -15.05 2.41
N TYR B 151 7.28 -14.39 2.58
CA TYR B 151 7.61 -13.20 1.79
C TYR B 151 9.03 -13.33 1.25
N PRO B 152 9.26 -14.12 0.18
CA PRO B 152 10.64 -14.29 -0.33
C PRO B 152 11.34 -12.99 -0.69
N GLY B 153 12.56 -12.82 -0.16
CA GLY B 153 13.43 -11.66 -0.39
C GLY B 153 13.05 -10.35 0.26
N GLN B 154 11.98 -10.34 1.11
CA GLN B 154 11.50 -9.11 1.76
C GLN B 154 11.82 -9.03 3.28
N ILE B 155 12.10 -10.17 3.93
CA ILE B 155 12.32 -10.19 5.38
C ILE B 155 13.80 -9.94 5.70
N THR B 156 14.07 -8.82 6.38
CA THR B 156 15.40 -8.40 6.80
C THR B 156 15.59 -8.81 8.26
N GLN B 157 16.82 -8.66 8.79
CA GLN B 157 17.08 -8.98 10.20
C GLN B 157 16.32 -7.98 11.13
N ASN B 158 15.91 -6.82 10.57
CA ASN B 158 15.16 -5.76 11.28
C ASN B 158 13.67 -6.01 11.35
N MET B 159 13.27 -7.25 11.10
CA MET B 159 11.88 -7.63 11.03
C MET B 159 11.69 -8.93 11.70
N LEU B 160 10.50 -9.16 12.21
CA LEU B 160 10.09 -10.44 12.72
C LEU B 160 8.66 -10.71 12.29
N CYS B 161 8.21 -11.95 12.43
CA CYS B 161 6.90 -12.36 12.01
C CYS B 161 6.10 -12.94 13.10
N ALA B 162 4.80 -12.68 13.08
CA ALA B 162 3.89 -13.21 14.08
C ALA B 162 2.53 -13.41 13.46
N GLY B 163 1.84 -14.44 13.90
CA GLY B 163 0.50 -14.73 13.42
C GLY B 163 -0.19 -15.76 14.27
N ASP B 164 -1.34 -16.22 13.79
CA ASP B 164 -2.15 -17.23 14.44
C ASP B 164 -2.77 -18.14 13.38
N GLU B 165 -2.30 -19.40 13.30
CA GLU B 165 -2.77 -20.36 12.29
C GLU B 165 -4.21 -20.83 12.48
N LYS B 166 -4.70 -20.87 13.73
CA LYS B 166 -6.06 -21.30 14.06
C LYS B 166 -7.16 -20.32 13.62
N TYR B 167 -7.10 -19.04 14.06
CA TYR B 167 -8.17 -18.08 13.73
C TYR B 167 -7.75 -16.96 12.77
N GLY B 168 -6.46 -16.88 12.44
CA GLY B 168 -5.95 -15.83 11.56
C GLY B 168 -5.83 -14.47 12.21
N LYS B 169 -5.86 -14.39 13.56
CA LYS B 169 -5.72 -13.13 14.32
C LYS B 169 -4.52 -12.33 13.76
N ASP B 170 -4.74 -11.07 13.41
CA ASP B 170 -3.69 -10.29 12.76
C ASP B 170 -3.93 -8.81 12.94
N SER B 171 -2.90 -8.01 12.71
N SER B 171 -2.88 -8.00 12.70
CA SER B 171 -2.99 -6.55 12.76
CA SER B 171 -2.99 -6.54 12.75
C SER B 171 -3.49 -6.09 11.38
C SER B 171 -3.51 -6.09 11.37
N CYS B 172 -4.02 -4.86 11.28
CA CYS B 172 -4.59 -4.34 10.05
C CYS B 172 -4.30 -2.83 9.91
N GLN B 173 -4.81 -2.17 8.83
CA GLN B 173 -4.61 -0.74 8.62
C GLN B 173 -5.08 0.05 9.85
N GLY B 174 -4.22 0.90 10.37
CA GLY B 174 -4.53 1.71 11.55
C GLY B 174 -3.94 1.16 12.82
N ASP B 175 -3.32 -0.04 12.73
CA ASP B 175 -2.62 -0.70 13.83
C ASP B 175 -1.12 -0.44 13.80
N SER B 176 -0.60 0.02 12.63
CA SER B 176 0.83 0.31 12.45
C SER B 176 1.39 1.18 13.55
N GLY B 177 2.55 0.79 14.03
CA GLY B 177 3.26 1.48 15.10
C GLY B 177 2.86 0.96 16.45
N GLY B 178 1.81 0.12 16.48
CA GLY B 178 1.28 -0.57 17.63
C GLY B 178 2.22 -1.65 18.14
N PRO B 179 2.06 -2.04 19.41
CA PRO B 179 2.96 -3.01 20.00
C PRO B 179 2.68 -4.48 19.78
N LEU B 180 3.77 -5.25 19.65
CA LEU B 180 3.75 -6.70 19.70
C LEU B 180 4.39 -6.91 21.09
N VAL B 181 3.59 -7.35 22.05
CA VAL B 181 4.06 -7.51 23.44
C VAL B 181 4.29 -8.98 23.71
N CYS B 182 5.52 -9.35 24.15
CA CYS B 182 5.82 -10.74 24.50
C CYS B 182 6.50 -10.73 25.88
N GLY B 183 5.95 -11.49 26.82
CA GLY B 183 6.46 -11.56 28.20
C GLY B 183 6.52 -10.22 28.88
N ASP B 184 5.50 -9.37 28.68
CA ASP B 184 5.36 -8.02 29.23
C ASP B 184 6.46 -7.06 28.78
N HIS B 185 7.06 -7.34 27.59
CA HIS B 185 8.11 -6.53 26.99
C HIS B 185 7.76 -6.20 25.56
N LEU B 186 8.27 -5.08 25.04
CA LEU B 186 8.02 -4.68 23.65
C LEU B 186 8.89 -5.50 22.73
N ARG B 187 8.29 -6.43 22.00
CA ARG B 187 9.03 -7.29 21.06
C ARG B 187 9.03 -6.70 19.65
N GLY B 188 7.90 -6.20 19.22
CA GLY B 188 7.81 -5.62 17.89
C GLY B 188 6.84 -4.47 17.75
N LEU B 189 6.88 -3.87 16.57
CA LEU B 189 5.98 -2.80 16.19
C LEU B 189 5.26 -3.24 14.91
N VAL B 190 3.93 -3.13 14.88
CA VAL B 190 3.11 -3.46 13.68
C VAL B 190 3.70 -2.67 12.51
N SER B 191 4.17 -3.38 11.48
CA SER B 191 4.81 -2.72 10.33
C SER B 191 4.01 -2.90 9.03
N TRP B 192 3.95 -4.11 8.50
CA TRP B 192 3.25 -4.45 7.25
C TRP B 192 2.84 -5.90 7.26
N GLY B 193 2.15 -6.33 6.22
CA GLY B 193 1.68 -7.70 6.18
C GLY B 193 0.75 -7.91 5.01
N ASN B 194 0.02 -9.00 5.07
CA ASN B 194 -0.88 -9.47 4.04
C ASN B 194 -2.15 -8.63 3.96
N ILE B 195 -2.68 -8.49 2.73
CA ILE B 195 -3.94 -7.84 2.40
C ILE B 195 -4.76 -8.89 1.61
N PRO B 196 -6.01 -9.21 2.01
CA PRO B 196 -6.74 -8.68 3.17
C PRO B 196 -6.05 -9.17 4.45
N CYS B 197 -6.21 -8.45 5.56
CA CYS B 197 -5.62 -8.80 6.86
C CYS B 197 -6.13 -10.15 7.32
N GLY B 198 -5.27 -10.89 7.99
CA GLY B 198 -5.56 -12.27 8.39
C GLY B 198 -4.27 -13.05 8.29
N SER B 199 -3.94 -13.80 9.32
CA SER B 199 -2.65 -14.48 9.35
C SER B 199 -2.71 -16.00 9.26
N LYS B 200 -3.82 -16.55 8.76
CA LYS B 200 -3.99 -18.00 8.59
C LYS B 200 -2.94 -18.59 7.64
N GLU B 201 -2.55 -17.82 6.61
CA GLU B 201 -1.60 -18.23 5.57
C GLU B 201 -0.25 -17.54 5.67
N LYS B 202 -0.25 -16.20 5.76
CA LYS B 202 0.99 -15.43 5.87
C LYS B 202 1.01 -14.63 7.17
N PRO B 203 2.11 -14.67 7.93
CA PRO B 203 2.13 -13.90 9.20
C PRO B 203 2.30 -12.39 9.00
N GLY B 204 1.94 -11.61 10.01
CA GLY B 204 2.15 -10.17 10.00
C GLY B 204 3.62 -9.87 10.23
N VAL B 205 4.11 -8.79 9.66
CA VAL B 205 5.52 -8.40 9.77
C VAL B 205 5.61 -7.25 10.74
N TYR B 206 6.57 -7.34 11.65
CA TYR B 206 6.76 -6.39 12.72
C TYR B 206 8.20 -5.92 12.75
N THR B 207 8.42 -4.67 13.17
CA THR B 207 9.77 -4.08 13.32
C THR B 207 10.40 -4.80 14.53
N ASN B 208 11.56 -5.46 14.33
CA ASN B 208 12.24 -6.22 15.36
C ASN B 208 12.90 -5.23 16.35
N VAL B 209 12.16 -4.88 17.42
CA VAL B 209 12.55 -3.84 18.39
C VAL B 209 13.91 -4.09 19.09
N CYS B 210 14.24 -5.34 19.45
CA CYS B 210 15.51 -5.72 20.11
C CYS B 210 16.76 -5.15 19.43
N ARG B 211 16.70 -4.99 18.11
CA ARG B 211 17.78 -4.48 17.23
C ARG B 211 18.01 -2.96 17.37
N TYR B 212 17.06 -2.22 17.96
CA TYR B 212 17.09 -0.77 18.08
C TYR B 212 17.44 -0.21 19.46
N THR B 213 17.77 -1.10 20.40
CA THR B 213 18.13 -0.76 21.79
C THR B 213 19.11 0.41 21.86
N ASN B 214 20.23 0.34 21.10
CA ASN B 214 21.26 1.39 21.08
C ASN B 214 20.76 2.71 20.52
N TRP B 215 20.10 2.70 19.32
CA TRP B 215 19.57 3.89 18.67
C TRP B 215 18.52 4.60 19.56
N ILE B 216 17.66 3.83 20.21
CA ILE B 216 16.62 4.34 21.13
C ILE B 216 17.30 5.13 22.29
N GLN B 217 18.23 4.48 22.98
CA GLN B 217 19.05 5.02 24.06
C GLN B 217 19.71 6.33 23.69
N LYS B 218 20.52 6.35 22.61
CA LYS B 218 21.23 7.54 22.12
C LYS B 218 20.28 8.70 21.80
N THR B 219 19.10 8.40 21.22
CA THR B 219 18.10 9.42 20.92
C THR B 219 17.47 9.94 22.22
N ILE B 220 17.11 9.05 23.17
CA ILE B 220 16.48 9.45 24.43
C ILE B 220 17.47 10.27 25.30
N GLN B 221 18.63 9.70 25.66
CA GLN B 221 19.65 10.37 26.46
C GLN B 221 20.19 11.67 25.82
N ALA B 222 20.74 11.58 24.58
CA ALA B 222 21.27 12.67 23.75
C ALA B 222 21.85 13.86 24.51
#